data_3TZ6
#
_entry.id   3TZ6
#
_cell.length_a   266.160
_cell.length_b   266.160
_cell.length_c   266.160
_cell.angle_alpha   90.00
_cell.angle_beta   90.00
_cell.angle_gamma   90.00
#
_symmetry.space_group_name_H-M   'F 4 3 2'
#
loop_
_entity.id
_entity.type
_entity.pdbx_description
1 polymer 'Aspartate-semialdehyde dehydrogenase'
2 non-polymer CYSTEINE
3 non-polymer GLYCEROL
4 non-polymer 'SULFATE ION'
5 water water
#
_entity_poly.entity_id   1
_entity_poly.type   'polypeptide(L)'
_entity_poly.pdbx_seq_one_letter_code
;GLSIGIVGATGQVGQVMRTLLDERDFPASAVRFFASARSQGRKLAFRGQEIEVEDAETADPSGLDIALFSAGSAMSKVQA
PRFAAAGVTVIDNSSAWRKDPDVPLVVSEVNFERDAHRRPKGIIANPNCTTMAAMPVLKVLHDEARLVRLVVSSYQAVSG
SGLAGVAELAEQARAVIGGAEQLVYDGGALEFPPPNTYVAPIAFNVVPLAGSLVDDGSGETDEDQKLRFESRKILGIPDL
LVSGTCVRVPVFTGHSLSINAEFAQPLSPERARELLDGATGVQLVDVPTPLAAAGVDESLVGRIRRDPGVPDGRGLALFV
SGDNLRKGAALNTIQIAELLTADL
;
_entity_poly.pdbx_strand_id   A
#
loop_
_chem_comp.id
_chem_comp.type
_chem_comp.name
_chem_comp.formula
GOL non-polymer GLYCEROL 'C3 H8 O3'
SO4 non-polymer 'SULFATE ION' 'O4 S -2'
#
# COMPACT_ATOMS: atom_id res chain seq x y z
N GLY A 1 21.79 -6.14 17.07
CA GLY A 1 22.77 -6.68 16.08
C GLY A 1 22.69 -6.00 14.72
N LEU A 2 21.46 -5.82 14.23
CA LEU A 2 21.18 -5.28 12.91
C LEU A 2 21.47 -3.78 12.72
N SER A 3 21.88 -3.42 11.50
CA SER A 3 21.98 -2.02 11.09
C SER A 3 20.92 -1.73 10.00
N ILE A 4 20.04 -0.77 10.28
N ILE A 4 20.03 -0.78 10.25
CA ILE A 4 18.93 -0.39 9.40
CA ILE A 4 18.93 -0.49 9.32
C ILE A 4 19.02 1.05 8.93
C ILE A 4 18.79 0.99 8.96
N GLY A 5 18.67 1.27 7.67
CA GLY A 5 18.53 2.62 7.15
C GLY A 5 17.13 2.89 6.62
N ILE A 6 16.71 4.16 6.67
CA ILE A 6 15.45 4.57 6.04
C ILE A 6 15.77 5.66 5.04
N VAL A 7 15.53 5.37 3.76
CA VAL A 7 15.77 6.32 2.70
C VAL A 7 14.43 6.93 2.33
N GLY A 8 14.32 8.26 2.46
CA GLY A 8 13.05 8.98 2.39
C GLY A 8 12.37 9.08 3.76
N ALA A 9 13.20 9.31 4.79
CA ALA A 9 12.74 9.28 6.19
C ALA A 9 11.78 10.42 6.59
N THR A 10 11.70 11.48 5.79
CA THR A 10 10.85 12.63 6.15
C THR A 10 9.44 12.63 5.56
N GLY A 11 9.14 11.72 4.64
CA GLY A 11 7.80 11.66 4.04
C GLY A 11 6.85 10.93 4.96
N GLN A 12 5.58 10.83 4.58
CA GLN A 12 4.59 10.15 5.43
C GLN A 12 4.95 8.71 5.69
N VAL A 13 5.32 7.99 4.63
CA VAL A 13 5.69 6.58 4.81
C VAL A 13 6.93 6.46 5.71
N GLY A 14 7.92 7.30 5.47
CA GLY A 14 9.15 7.32 6.31
C GLY A 14 8.83 7.54 7.78
N GLN A 15 7.91 8.45 8.06
CA GLN A 15 7.46 8.73 9.42
CA GLN A 15 7.47 8.71 9.43
C GLN A 15 6.85 7.48 10.06
N VAL A 16 5.98 6.80 9.31
CA VAL A 16 5.36 5.58 9.81
C VAL A 16 6.40 4.47 10.01
N MET A 17 7.36 4.37 9.09
CA MET A 17 8.47 3.43 9.25
C MET A 17 9.19 3.68 10.57
N ARG A 18 9.51 4.95 10.83
CA ARG A 18 10.14 5.33 12.09
C ARG A 18 9.30 4.97 13.33
N THR A 19 8.02 5.35 13.32
CA THR A 19 7.10 4.99 14.41
C THR A 19 7.06 3.47 14.65
N LEU A 20 6.97 2.70 13.57
CA LEU A 20 6.87 1.24 13.70
C LEU A 20 8.16 0.54 14.14
N LEU A 21 9.31 1.00 13.64
CA LEU A 21 10.59 0.47 14.12
C LEU A 21 10.66 0.60 15.64
N ASP A 22 10.22 1.75 16.14
CA ASP A 22 10.19 2.02 17.57
C ASP A 22 9.14 1.13 18.24
N GLU A 23 7.89 1.20 17.79
CA GLU A 23 6.82 0.46 18.44
C GLU A 23 6.99 -1.07 18.39
N ARG A 24 7.54 -1.58 17.29
CA ARG A 24 7.73 -3.03 17.11
C ARG A 24 9.07 -3.48 17.68
N ASP A 25 9.75 -2.59 18.40
CA ASP A 25 11.05 -2.90 19.02
C ASP A 25 12.00 -3.59 18.06
N PHE A 26 12.13 -3.04 16.86
CA PHE A 26 12.99 -3.66 15.86
C PHE A 26 14.45 -3.68 16.33
N PRO A 27 15.06 -4.88 16.43
CA PRO A 27 16.37 -5.05 17.05
C PRO A 27 17.52 -4.52 16.17
N ALA A 28 17.49 -3.22 15.90
CA ALA A 28 18.54 -2.55 15.16
C ALA A 28 19.51 -1.88 16.14
N SER A 29 20.78 -2.26 16.08
CA SER A 29 21.79 -1.62 16.93
C SER A 29 22.23 -0.26 16.36
N ALA A 30 22.04 -0.08 15.06
CA ALA A 30 22.26 1.22 14.41
C ALA A 30 21.09 1.54 13.50
N VAL A 31 20.66 2.79 13.51
CA VAL A 31 19.59 3.24 12.65
C VAL A 31 20.11 4.49 11.95
N ARG A 32 20.04 4.51 10.63
CA ARG A 32 20.42 5.67 9.85
C ARG A 32 19.26 6.21 9.02
N PHE A 33 19.20 7.54 8.85
CA PHE A 33 18.14 8.17 8.06
C PHE A 33 18.73 8.88 6.86
N PHE A 34 18.01 8.87 5.74
CA PHE A 34 18.42 9.60 4.54
C PHE A 34 17.25 10.33 3.91
N ALA A 35 17.55 11.48 3.31
CA ALA A 35 16.64 12.20 2.43
C ALA A 35 17.48 12.84 1.31
N SER A 36 16.93 13.83 0.62
CA SER A 36 17.68 14.55 -0.43
C SER A 36 18.22 15.89 0.07
N ALA A 37 19.22 16.42 -0.62
CA ALA A 37 19.87 17.70 -0.27
C ALA A 37 18.86 18.80 0.08
N ARG A 38 19.15 19.56 1.14
CA ARG A 38 18.22 20.57 1.64
C ARG A 38 17.24 20.02 2.66
N SER A 39 17.13 18.70 2.74
CA SER A 39 16.42 18.03 3.83
C SER A 39 17.47 17.48 4.79
N GLN A 40 18.65 17.19 4.25
CA GLN A 40 19.80 16.64 4.97
C GLN A 40 20.45 17.67 5.91
N GLY A 41 21.26 17.18 6.85
CA GLY A 41 21.88 18.04 7.87
C GLY A 41 21.07 18.03 9.16
N ARG A 42 19.78 18.31 9.04
CA ARG A 42 18.78 18.16 10.11
C ARG A 42 18.94 16.85 10.87
N LYS A 43 18.53 16.85 12.13
CA LYS A 43 18.43 15.61 12.91
C LYS A 43 16.97 15.33 13.25
N LEU A 44 16.62 14.05 13.37
CA LEU A 44 15.28 13.63 13.73
C LEU A 44 15.38 12.73 14.95
N ALA A 45 14.56 12.97 15.95
CA ALA A 45 14.55 12.14 17.16
C ALA A 45 14.13 10.73 16.81
N PHE A 46 14.81 9.75 17.41
CA PHE A 46 14.40 8.34 17.32
C PHE A 46 14.80 7.65 18.63
N ARG A 47 13.82 7.18 19.38
CA ARG A 47 14.07 6.42 20.61
C ARG A 47 15.24 6.93 21.46
N GLY A 48 15.11 8.11 22.06
CA GLY A 48 16.15 8.53 23.01
C GLY A 48 17.39 9.19 22.43
N GLN A 49 17.48 9.30 21.10
CA GLN A 49 18.56 10.13 20.53
C GLN A 49 18.14 10.86 19.27
N GLU A 50 19.01 11.73 18.79
CA GLU A 50 18.76 12.46 17.55
C GLU A 50 19.64 11.91 16.42
N ILE A 51 19.04 11.58 15.29
CA ILE A 51 19.72 10.88 14.18
C ILE A 51 19.87 11.88 13.04
N GLU A 52 21.09 11.99 12.50
CA GLU A 52 21.36 12.85 11.36
CA GLU A 52 21.38 12.83 11.35
C GLU A 52 20.60 12.36 10.13
N VAL A 53 20.01 13.30 9.38
CA VAL A 53 19.39 12.97 8.12
C VAL A 53 20.48 13.10 7.06
N GLU A 54 20.99 11.96 6.61
CA GLU A 54 22.07 11.96 5.61
C GLU A 54 21.55 12.17 4.18
N ASP A 55 22.47 12.38 3.24
CA ASP A 55 22.14 12.52 1.82
C ASP A 55 22.13 11.15 1.16
N ALA A 56 20.96 10.74 0.67
CA ALA A 56 20.79 9.40 0.08
C ALA A 56 21.71 9.17 -1.12
N GLU A 57 21.91 10.22 -1.92
CA GLU A 57 22.71 10.14 -3.15
C GLU A 57 24.21 9.96 -2.89
N THR A 58 24.72 10.65 -1.87
CA THR A 58 26.17 10.74 -1.68
C THR A 58 26.71 10.06 -0.42
N ALA A 59 25.84 9.70 0.51
CA ALA A 59 26.27 8.99 1.72
C ALA A 59 26.76 7.58 1.41
N ASP A 60 27.61 7.05 2.27
CA ASP A 60 28.16 5.72 2.09
C ASP A 60 27.30 4.66 2.78
N PRO A 61 26.67 3.76 1.99
CA PRO A 61 25.77 2.72 2.50
C PRO A 61 26.43 1.61 3.30
N SER A 62 27.76 1.50 3.21
CA SER A 62 28.49 0.40 3.84
C SER A 62 28.16 0.29 5.32
N GLY A 63 27.97 -0.93 5.79
CA GLY A 63 27.64 -1.15 7.20
C GLY A 63 26.18 -1.49 7.42
N LEU A 64 25.31 -0.91 6.60
CA LEU A 64 23.87 -1.21 6.67
C LEU A 64 23.60 -2.64 6.24
N ASP A 65 22.83 -3.36 7.04
CA ASP A 65 22.30 -4.66 6.65
C ASP A 65 21.08 -4.52 5.74
N ILE A 66 20.14 -3.68 6.14
CA ILE A 66 18.88 -3.49 5.43
C ILE A 66 18.62 -1.99 5.25
N ALA A 67 18.17 -1.59 4.06
CA ALA A 67 17.64 -0.23 3.84
C ALA A 67 16.18 -0.29 3.37
N LEU A 68 15.31 0.44 4.07
CA LEU A 68 13.91 0.60 3.66
C LEU A 68 13.81 1.88 2.87
N PHE A 69 13.45 1.75 1.59
CA PHE A 69 13.32 2.90 0.71
C PHE A 69 11.87 3.29 0.60
N SER A 70 11.60 4.57 0.79
CA SER A 70 10.35 5.16 0.37
C SER A 70 10.67 6.56 -0.10
N ALA A 71 11.29 6.62 -1.28
CA ALA A 71 11.78 7.87 -1.82
C ALA A 71 11.45 8.07 -3.30
N GLY A 72 10.44 7.35 -3.79
CA GLY A 72 10.04 7.45 -5.20
C GLY A 72 10.83 6.49 -6.09
N SER A 73 10.35 6.26 -7.31
CA SER A 73 10.99 5.27 -8.19
C SER A 73 12.28 5.78 -8.82
N ALA A 74 12.32 7.06 -9.17
CA ALA A 74 13.50 7.68 -9.78
C ALA A 74 14.74 7.49 -8.89
N MET A 75 14.62 7.90 -7.63
CA MET A 75 15.67 7.71 -6.63
C MET A 75 16.04 6.23 -6.49
N SER A 76 15.02 5.38 -6.46
CA SER A 76 15.24 3.95 -6.30
C SER A 76 16.02 3.33 -7.46
N LYS A 77 15.71 3.74 -8.69
CA LYS A 77 16.35 3.15 -9.87
C LYS A 77 17.86 3.26 -9.78
N VAL A 78 18.33 4.42 -9.32
CA VAL A 78 19.76 4.70 -9.11
C VAL A 78 20.32 4.15 -7.79
N GLN A 79 19.64 4.46 -6.67
CA GLN A 79 20.22 4.24 -5.34
C GLN A 79 20.10 2.83 -4.81
N ALA A 80 19.03 2.12 -5.16
CA ALA A 80 18.88 0.74 -4.72
C ALA A 80 20.05 -0.14 -5.19
N PRO A 81 20.47 -0.02 -6.47
CA PRO A 81 21.65 -0.80 -6.90
C PRO A 81 22.94 -0.36 -6.19
N ARG A 82 23.14 0.95 -6.01
CA ARG A 82 24.28 1.47 -5.23
C ARG A 82 24.34 0.88 -3.81
N PHE A 83 23.21 0.91 -3.10
CA PHE A 83 23.13 0.30 -1.77
C PHE A 83 23.35 -1.20 -1.82
N ALA A 84 22.69 -1.90 -2.75
CA ALA A 84 22.87 -3.34 -2.88
C ALA A 84 24.34 -3.69 -3.20
N ALA A 85 24.99 -2.87 -4.02
CA ALA A 85 26.43 -3.00 -4.30
C ALA A 85 27.27 -2.98 -3.02
N ALA A 86 26.91 -2.09 -2.08
CA ALA A 86 27.58 -1.99 -0.78
C ALA A 86 27.18 -3.11 0.17
N GLY A 87 26.47 -4.12 -0.31
CA GLY A 87 26.06 -5.25 0.54
C GLY A 87 24.74 -5.06 1.30
N VAL A 88 24.00 -4.00 0.98
CA VAL A 88 22.73 -3.73 1.68
C VAL A 88 21.57 -4.48 1.02
N THR A 89 20.77 -5.21 1.80
CA THR A 89 19.49 -5.73 1.31
C THR A 89 18.48 -4.56 1.27
N VAL A 90 18.01 -4.21 0.07
CA VAL A 90 17.09 -3.10 -0.11
C VAL A 90 15.62 -3.59 -0.18
N ILE A 91 14.76 -3.03 0.68
CA ILE A 91 13.31 -3.25 0.58
C ILE A 91 12.70 -1.95 0.10
N ASP A 92 12.22 -1.94 -1.15
CA ASP A 92 11.81 -0.71 -1.81
C ASP A 92 10.29 -0.48 -1.94
N ASN A 93 9.80 0.51 -1.22
CA ASN A 93 8.43 0.96 -1.39
C ASN A 93 8.35 1.94 -2.53
N SER A 94 8.46 1.45 -3.75
CA SER A 94 8.20 2.23 -4.95
C SER A 94 7.90 1.26 -6.09
N SER A 95 7.51 1.81 -7.23
CA SER A 95 7.17 0.97 -8.38
C SER A 95 8.39 0.58 -9.22
N ALA A 96 9.56 1.14 -8.90
CA ALA A 96 10.78 0.96 -9.69
C ALA A 96 11.13 -0.47 -10.06
N TRP A 97 11.08 -1.39 -9.10
CA TRP A 97 11.56 -2.76 -9.32
C TRP A 97 10.48 -3.81 -9.42
N ARG A 98 9.23 -3.38 -9.42
CA ARG A 98 8.12 -4.31 -9.27
C ARG A 98 7.97 -5.25 -10.46
N LYS A 99 8.33 -4.77 -11.65
CA LYS A 99 8.15 -5.52 -12.90
C LYS A 99 9.41 -6.28 -13.31
N ASP A 100 10.44 -6.21 -12.47
CA ASP A 100 11.71 -6.84 -12.75
C ASP A 100 11.62 -8.30 -12.32
N PRO A 101 11.87 -9.25 -13.26
CA PRO A 101 11.78 -10.67 -12.96
C PRO A 101 12.82 -11.16 -11.94
N ASP A 102 13.87 -10.38 -11.71
CA ASP A 102 14.86 -10.75 -10.71
C ASP A 102 14.65 -10.05 -9.35
N VAL A 103 13.49 -9.43 -9.18
CA VAL A 103 13.12 -8.77 -7.92
C VAL A 103 11.79 -9.34 -7.38
N PRO A 104 11.84 -10.03 -6.23
CA PRO A 104 10.62 -10.55 -5.61
C PRO A 104 9.70 -9.40 -5.20
N LEU A 105 8.40 -9.54 -5.45
CA LEU A 105 7.42 -8.53 -5.05
C LEU A 105 6.63 -9.16 -3.91
N VAL A 106 6.92 -8.72 -2.67
CA VAL A 106 6.56 -9.51 -1.50
C VAL A 106 5.54 -8.89 -0.53
N VAL A 107 4.48 -9.64 -0.23
CA VAL A 107 3.60 -9.34 0.91
C VAL A 107 4.02 -10.32 1.99
N SER A 108 4.38 -9.79 3.17
CA SER A 108 5.13 -10.56 4.17
C SER A 108 4.54 -11.93 4.53
N GLU A 109 3.23 -12.00 4.76
CA GLU A 109 2.60 -13.26 5.14
C GLU A 109 2.04 -14.05 3.94
N VAL A 110 2.39 -13.65 2.72
CA VAL A 110 1.82 -14.28 1.53
C VAL A 110 2.87 -15.11 0.77
N ASN A 111 3.92 -14.45 0.30
CA ASN A 111 4.92 -15.07 -0.57
C ASN A 111 6.36 -14.77 -0.14
N PHE A 112 6.59 -14.58 1.16
CA PHE A 112 7.97 -14.37 1.61
C PHE A 112 8.80 -15.64 1.39
N GLU A 113 8.34 -16.75 1.97
CA GLU A 113 9.05 -18.03 1.85
C GLU A 113 9.23 -18.45 0.40
N ARG A 114 8.19 -18.28 -0.42
CA ARG A 114 8.26 -18.67 -1.83
C ARG A 114 9.22 -17.82 -2.66
N ASP A 115 9.17 -16.49 -2.51
CA ASP A 115 9.89 -15.59 -3.42
C ASP A 115 11.06 -14.78 -2.84
N ALA A 116 11.02 -14.46 -1.55
CA ALA A 116 11.96 -13.48 -1.00
C ALA A 116 13.45 -13.89 -1.06
N HIS A 117 13.71 -15.19 -0.87
CA HIS A 117 15.10 -15.69 -0.86
C HIS A 117 15.80 -15.58 -2.18
N ARG A 118 15.06 -15.55 -3.28
CA ARG A 118 15.68 -15.38 -4.57
C ARG A 118 15.72 -13.91 -4.97
N ARG A 119 16.81 -13.25 -4.61
CA ARG A 119 16.99 -11.82 -4.90
C ARG A 119 18.40 -11.52 -5.42
N PRO A 120 18.68 -11.89 -6.69
CA PRO A 120 20.00 -11.68 -7.25
C PRO A 120 20.41 -10.22 -7.35
N LYS A 121 19.46 -9.29 -7.35
CA LYS A 121 19.81 -7.85 -7.42
C LYS A 121 19.94 -7.18 -6.04
N GLY A 122 19.77 -7.97 -4.97
CA GLY A 122 19.83 -7.46 -3.60
C GLY A 122 18.62 -6.63 -3.21
N ILE A 123 17.57 -6.67 -4.04
CA ILE A 123 16.37 -5.85 -3.89
C ILE A 123 15.10 -6.71 -3.72
N ILE A 124 14.26 -6.35 -2.74
CA ILE A 124 12.89 -6.84 -2.62
C ILE A 124 11.96 -5.64 -2.81
N ALA A 125 10.95 -5.79 -3.67
CA ALA A 125 10.01 -4.70 -3.96
C ALA A 125 8.78 -4.79 -3.05
N ASN A 126 8.37 -3.63 -2.51
CA ASN A 126 7.14 -3.52 -1.70
C ASN A 126 5.97 -3.26 -2.64
N PRO A 127 4.87 -4.03 -2.49
CA PRO A 127 3.71 -3.88 -3.40
C PRO A 127 2.96 -2.55 -3.27
N ASN A 128 2.25 -2.22 -4.34
CA ASN A 128 1.22 -1.18 -4.37
C ASN A 128 0.31 -1.27 -3.14
N CYS A 129 0.03 -0.14 -2.49
CA CYS A 129 -0.79 -0.17 -1.27
C CYS A 129 -2.20 -0.74 -1.48
N THR A 130 -2.84 -0.34 -2.58
CA THR A 130 -4.20 -0.80 -2.86
C THR A 130 -4.27 -2.34 -3.01
N THR A 131 -3.39 -2.89 -3.84
CA THR A 131 -3.24 -4.33 -3.96
C THR A 131 -2.90 -4.99 -2.63
N MET A 132 -1.96 -4.39 -1.90
CA MET A 132 -1.49 -4.96 -0.65
C MET A 132 -2.63 -5.21 0.34
N ALA A 133 -3.60 -4.30 0.42
CA ALA A 133 -4.69 -4.43 1.40
C ALA A 133 -5.46 -5.74 1.16
N ALA A 134 -5.61 -6.12 -0.11
CA ALA A 134 -6.36 -7.33 -0.51
C ALA A 134 -5.59 -8.64 -0.35
N MET A 135 -4.26 -8.57 -0.34
CA MET A 135 -3.44 -9.78 -0.43
C MET A 135 -3.52 -10.77 0.75
N PRO A 136 -3.46 -10.29 2.02
CA PRO A 136 -3.63 -11.26 3.10
C PRO A 136 -4.99 -11.95 3.10
N VAL A 137 -6.02 -11.27 2.60
CA VAL A 137 -7.37 -11.83 2.48
C VAL A 137 -7.44 -12.82 1.31
N LEU A 138 -7.01 -12.37 0.13
CA LEU A 138 -7.15 -13.22 -1.06
C LEU A 138 -6.24 -14.45 -1.02
N LYS A 139 -5.05 -14.34 -0.41
CA LYS A 139 -4.17 -15.50 -0.28
C LYS A 139 -4.85 -16.68 0.41
N VAL A 140 -5.56 -16.38 1.51
CA VAL A 140 -6.25 -17.39 2.30
C VAL A 140 -7.36 -18.04 1.44
N LEU A 141 -8.11 -17.23 0.72
CA LEU A 141 -9.19 -17.77 -0.11
C LEU A 141 -8.64 -18.55 -1.32
N HIS A 142 -7.57 -18.03 -1.92
CA HIS A 142 -6.87 -18.68 -3.02
C HIS A 142 -6.36 -20.06 -2.63
N ASP A 143 -5.71 -20.15 -1.47
CA ASP A 143 -5.19 -21.44 -1.00
C ASP A 143 -6.29 -22.47 -0.87
N GLU A 144 -7.47 -22.03 -0.45
CA GLU A 144 -8.59 -22.92 -0.27
C GLU A 144 -9.24 -23.37 -1.59
N ALA A 145 -9.48 -22.42 -2.50
CA ALA A 145 -10.41 -22.64 -3.61
C ALA A 145 -9.83 -22.33 -5.00
N ARG A 146 -8.64 -21.73 -5.05
CA ARG A 146 -7.96 -21.30 -6.28
C ARG A 146 -8.64 -20.10 -6.93
N LEU A 147 -8.02 -18.92 -6.79
CA LEU A 147 -8.58 -17.69 -7.32
C LEU A 147 -8.35 -17.64 -8.81
N VAL A 148 -9.40 -17.33 -9.57
CA VAL A 148 -9.25 -17.26 -11.05
C VAL A 148 -9.66 -15.92 -11.69
N ARG A 149 -10.52 -15.15 -11.02
CA ARG A 149 -10.92 -13.85 -11.58
C ARG A 149 -11.25 -12.85 -10.46
N LEU A 150 -10.83 -11.61 -10.68
CA LEU A 150 -11.18 -10.49 -9.81
C LEU A 150 -11.81 -9.35 -10.56
N VAL A 151 -12.88 -8.82 -9.98
CA VAL A 151 -13.37 -7.47 -10.27
C VAL A 151 -13.11 -6.67 -8.98
N VAL A 152 -12.57 -5.45 -9.13
CA VAL A 152 -12.24 -4.62 -7.97
C VAL A 152 -12.64 -3.17 -8.23
N SER A 153 -13.38 -2.57 -7.31
CA SER A 153 -13.56 -1.11 -7.31
C SER A 153 -13.03 -0.59 -6.00
N SER A 154 -12.15 0.41 -6.05
CA SER A 154 -11.52 0.89 -4.82
C SER A 154 -12.11 2.21 -4.33
N TYR A 155 -11.84 2.51 -3.05
CA TYR A 155 -12.26 3.75 -2.38
C TYR A 155 -10.95 4.21 -1.73
N GLN A 156 -10.18 5.02 -2.44
CA GLN A 156 -8.80 5.30 -2.00
C GLN A 156 -8.63 6.64 -1.27
N ALA A 157 -8.01 6.57 -0.09
CA ALA A 157 -7.73 7.72 0.77
C ALA A 157 -6.65 8.63 0.15
N VAL A 158 -6.66 9.91 0.53
CA VAL A 158 -5.75 10.88 -0.08
C VAL A 158 -4.29 10.80 0.38
N SER A 159 -4.03 10.20 1.54
CA SER A 159 -2.64 10.08 1.99
C SER A 159 -1.86 9.18 1.05
N GLY A 160 -2.58 8.43 0.22
CA GLY A 160 -1.98 7.69 -0.88
C GLY A 160 -1.15 8.58 -1.79
N SER A 161 -1.51 9.86 -1.87
CA SER A 161 -0.78 10.83 -2.68
C SER A 161 0.23 11.64 -1.88
N GLY A 162 0.59 11.18 -0.69
CA GLY A 162 1.53 11.92 0.15
C GLY A 162 0.90 13.11 0.84
N LEU A 163 1.72 13.97 1.44
CA LEU A 163 1.20 15.16 2.11
C LEU A 163 0.33 16.03 1.21
N ALA A 164 0.69 16.09 -0.08
CA ALA A 164 -0.03 16.90 -1.04
C ALA A 164 -1.52 16.52 -1.13
N GLY A 165 -1.85 15.23 -1.05
CA GLY A 165 -3.25 14.81 -1.13
C GLY A 165 -4.01 15.18 0.15
N VAL A 166 -3.36 14.98 1.29
CA VAL A 166 -3.90 15.35 2.61
C VAL A 166 -4.23 16.85 2.62
N ALA A 167 -3.29 17.67 2.16
CA ALA A 167 -3.45 19.12 2.19
C ALA A 167 -4.56 19.57 1.24
N GLU A 168 -4.69 18.89 0.11
CA GLU A 168 -5.68 19.26 -0.88
C GLU A 168 -7.08 18.95 -0.36
N LEU A 169 -7.26 17.79 0.27
CA LEU A 169 -8.55 17.45 0.88
C LEU A 169 -8.84 18.42 2.04
N ALA A 170 -7.89 18.60 2.95
CA ALA A 170 -8.12 19.51 4.09
C ALA A 170 -8.47 20.96 3.68
N GLU A 171 -7.70 21.54 2.75
CA GLU A 171 -7.93 22.92 2.34
CA GLU A 171 -7.91 22.92 2.30
C GLU A 171 -9.28 23.08 1.64
N GLN A 172 -9.66 22.10 0.82
CA GLN A 172 -10.96 22.16 0.16
C GLN A 172 -12.12 22.05 1.15
N ALA A 173 -12.03 21.08 2.05
CA ALA A 173 -13.07 20.86 3.05
C ALA A 173 -13.25 22.14 3.91
N ARG A 174 -12.12 22.72 4.35
CA ARG A 174 -12.15 23.96 5.17
C ARG A 174 -12.77 25.14 4.43
N ALA A 175 -12.47 25.27 3.14
CA ALA A 175 -13.01 26.35 2.33
C ALA A 175 -14.51 26.26 2.06
N VAL A 176 -15.07 25.05 1.95
CA VAL A 176 -16.46 24.92 1.52
C VAL A 176 -17.44 24.47 2.61
N ILE A 177 -16.92 24.05 3.76
CA ILE A 177 -17.77 23.46 4.79
CA ILE A 177 -17.77 23.45 4.80
C ILE A 177 -18.89 24.41 5.25
N GLY A 178 -18.59 25.71 5.24
CA GLY A 178 -19.56 26.72 5.63
C GLY A 178 -20.84 26.70 4.84
N GLY A 179 -20.74 26.45 3.54
CA GLY A 179 -21.93 26.41 2.70
C GLY A 179 -22.29 25.01 2.21
N ALA A 180 -21.78 24.00 2.91
CA ALA A 180 -21.81 22.61 2.43
C ALA A 180 -23.19 22.09 1.97
N GLU A 181 -24.23 22.38 2.75
CA GLU A 181 -25.57 21.90 2.43
C GLU A 181 -26.07 22.35 1.05
N GLN A 182 -25.50 23.43 0.51
CA GLN A 182 -25.89 23.88 -0.83
C GLN A 182 -25.57 22.83 -1.90
N LEU A 183 -24.55 22.03 -1.64
CA LEU A 183 -24.13 20.95 -2.56
C LEU A 183 -25.20 19.88 -2.74
N VAL A 184 -26.21 19.88 -1.86
CA VAL A 184 -27.35 18.96 -1.98
C VAL A 184 -28.14 19.20 -3.27
N TYR A 185 -28.22 20.46 -3.70
CA TYR A 185 -29.02 20.84 -4.86
C TYR A 185 -28.18 21.34 -6.04
N ASP A 186 -26.93 21.68 -5.81
CA ASP A 186 -26.10 22.23 -6.89
C ASP A 186 -24.65 21.97 -6.54
N GLY A 187 -24.05 21.03 -7.26
CA GLY A 187 -22.66 20.66 -7.03
C GLY A 187 -21.67 21.77 -7.35
N GLY A 188 -22.10 22.77 -8.11
CA GLY A 188 -21.25 23.91 -8.49
C GLY A 188 -21.56 25.19 -7.71
N ALA A 189 -22.32 25.06 -6.62
CA ALA A 189 -22.77 26.22 -5.83
C ALA A 189 -21.63 26.96 -5.12
N LEU A 190 -20.56 26.24 -4.78
CA LEU A 190 -19.53 26.78 -3.90
C LEU A 190 -18.21 27.00 -4.65
N GLU A 191 -17.32 27.79 -4.05
CA GLU A 191 -15.98 28.07 -4.60
C GLU A 191 -14.94 27.17 -3.97
N PHE A 192 -14.52 26.14 -4.70
CA PHE A 192 -13.49 25.23 -4.20
C PHE A 192 -12.14 25.82 -4.53
N PRO A 193 -11.17 25.75 -3.59
CA PRO A 193 -9.79 26.02 -3.96
C PRO A 193 -9.44 25.16 -5.18
N PRO A 194 -8.76 25.74 -6.21
CA PRO A 194 -8.50 24.94 -7.41
C PRO A 194 -7.74 23.63 -7.12
N PRO A 195 -8.24 22.48 -7.63
CA PRO A 195 -7.49 21.23 -7.49
C PRO A 195 -6.09 21.33 -8.12
N ASN A 196 -5.15 20.58 -7.57
CA ASN A 196 -3.81 20.54 -8.12
C ASN A 196 -3.34 19.09 -8.31
N THR A 197 -3.40 18.31 -7.24
CA THR A 197 -3.05 16.90 -7.28
C THR A 197 -4.07 16.08 -8.07
N TYR A 198 -5.37 16.35 -7.85
CA TYR A 198 -6.43 15.53 -8.44
C TYR A 198 -7.13 16.24 -9.60
N VAL A 199 -7.79 15.46 -10.45
CA VAL A 199 -8.39 15.99 -11.68
C VAL A 199 -9.70 16.72 -11.44
N ALA A 200 -10.20 16.67 -10.20
CA ALA A 200 -11.44 17.31 -9.79
C ALA A 200 -11.33 17.57 -8.29
N PRO A 201 -12.23 18.40 -7.72
CA PRO A 201 -12.24 18.54 -6.27
C PRO A 201 -12.41 17.18 -5.59
N ILE A 202 -11.77 17.01 -4.45
CA ILE A 202 -11.86 15.76 -3.71
C ILE A 202 -12.79 15.89 -2.48
N ALA A 203 -12.83 17.05 -1.82
CA ALA A 203 -13.73 17.18 -0.65
C ALA A 203 -15.17 17.07 -1.14
N PHE A 204 -15.96 16.22 -0.47
CA PHE A 204 -17.39 16.05 -0.82
C PHE A 204 -17.60 15.61 -2.27
N ASN A 205 -16.65 14.84 -2.77
CA ASN A 205 -16.69 14.35 -4.13
C ASN A 205 -16.16 12.92 -4.14
N VAL A 206 -16.34 12.22 -5.25
CA VAL A 206 -15.53 11.03 -5.54
C VAL A 206 -14.95 11.19 -6.95
N VAL A 207 -13.73 10.72 -7.14
CA VAL A 207 -13.01 11.00 -8.38
C VAL A 207 -12.47 9.68 -8.96
N PRO A 208 -13.15 9.14 -9.99
CA PRO A 208 -12.75 7.84 -10.57
C PRO A 208 -11.55 7.96 -11.53
N LEU A 209 -10.42 8.36 -10.98
CA LEU A 209 -9.20 8.55 -11.76
C LEU A 209 -8.07 8.61 -10.76
N ALA A 210 -7.24 7.58 -10.77
CA ALA A 210 -6.01 7.59 -9.99
C ALA A 210 -4.86 7.17 -10.91
N GLY A 211 -3.90 8.06 -11.10
CA GLY A 211 -2.69 7.75 -11.86
C GLY A 211 -2.69 8.28 -13.27
N SER A 212 -1.69 7.87 -14.04
CA SER A 212 -1.55 8.26 -15.43
C SER A 212 -2.18 7.21 -16.32
N LEU A 213 -2.82 7.66 -17.41
CA LEU A 213 -3.35 6.76 -18.42
C LEU A 213 -2.23 6.02 -19.14
N VAL A 214 -2.31 4.69 -19.16
CA VAL A 214 -1.26 3.86 -19.79
C VAL A 214 -1.34 4.02 -21.30
N ASP A 215 -0.19 4.17 -21.94
CA ASP A 215 -0.16 4.37 -23.37
C ASP A 215 -0.31 3.05 -24.14
N ASP A 216 -1.38 2.30 -23.88
CA ASP A 216 -1.57 1.00 -24.51
C ASP A 216 -2.95 0.89 -25.11
N GLY A 217 -3.62 2.03 -25.28
CA GLY A 217 -4.96 2.07 -25.80
C GLY A 217 -6.07 1.53 -24.89
N SER A 218 -5.73 1.11 -23.67
CA SER A 218 -6.76 0.45 -22.82
C SER A 218 -7.76 1.37 -22.13
N GLY A 219 -7.38 2.62 -21.87
CA GLY A 219 -8.23 3.50 -21.05
C GLY A 219 -7.98 3.33 -19.56
N GLU A 220 -7.09 2.39 -19.21
CA GLU A 220 -6.75 2.12 -17.81
C GLU A 220 -5.61 3.03 -17.36
N THR A 221 -5.61 3.38 -16.09
CA THR A 221 -4.47 4.10 -15.51
C THR A 221 -3.44 3.07 -15.04
N ASP A 222 -2.23 3.55 -14.74
CA ASP A 222 -1.22 2.67 -14.14
C ASP A 222 -1.64 2.09 -12.79
N GLU A 223 -2.42 2.85 -12.02
CA GLU A 223 -2.95 2.32 -10.76
CA GLU A 223 -2.98 2.35 -10.76
C GLU A 223 -3.98 1.22 -11.03
N ASP A 224 -4.86 1.42 -12.01
CA ASP A 224 -5.84 0.36 -12.38
C ASP A 224 -5.08 -0.94 -12.71
N GLN A 225 -4.00 -0.82 -13.46
CA GLN A 225 -3.22 -1.98 -13.94
C GLN A 225 -2.37 -2.65 -12.87
N LYS A 226 -1.95 -1.89 -11.86
CA LYS A 226 -1.22 -2.48 -10.74
C LYS A 226 -2.00 -3.62 -10.08
N LEU A 227 -3.31 -3.46 -9.95
CA LEU A 227 -4.16 -4.49 -9.39
C LEU A 227 -4.02 -5.81 -10.18
N ARG A 228 -3.84 -5.70 -11.50
CA ARG A 228 -3.66 -6.87 -12.36
C ARG A 228 -2.24 -7.40 -12.20
N PHE A 229 -1.24 -6.61 -12.57
CA PHE A 229 0.13 -7.11 -12.60
C PHE A 229 0.61 -7.61 -11.23
N GLU A 230 0.36 -6.83 -10.18
CA GLU A 230 0.88 -7.15 -8.86
C GLU A 230 0.15 -8.30 -8.16
N SER A 231 -1.17 -8.38 -8.29
CA SER A 231 -1.91 -9.55 -7.79
C SER A 231 -1.37 -10.86 -8.42
N ARG A 232 -1.12 -10.81 -9.74
CA ARG A 232 -0.57 -11.95 -10.46
C ARG A 232 0.79 -12.36 -9.87
N LYS A 233 1.71 -11.41 -9.75
CA LYS A 233 3.06 -11.72 -9.26
C LYS A 233 3.06 -12.15 -7.79
N ILE A 234 2.27 -11.48 -6.95
CA ILE A 234 2.26 -11.78 -5.53
C ILE A 234 1.64 -13.14 -5.28
N LEU A 235 0.48 -13.38 -5.86
CA LEU A 235 -0.22 -14.64 -5.61
C LEU A 235 0.36 -15.81 -6.41
N GLY A 236 1.24 -15.51 -7.36
CA GLY A 236 1.82 -16.54 -8.25
C GLY A 236 0.78 -17.13 -9.20
N ILE A 237 -0.05 -16.26 -9.79
CA ILE A 237 -1.10 -16.65 -10.75
C ILE A 237 -0.87 -15.82 -12.02
N PRO A 238 0.06 -16.27 -12.89
CA PRO A 238 0.47 -15.46 -14.05
C PRO A 238 -0.67 -15.06 -14.98
N ASP A 239 -1.75 -15.84 -15.03
CA ASP A 239 -2.83 -15.56 -15.97
C ASP A 239 -4.11 -15.10 -15.27
N LEU A 240 -3.99 -14.69 -14.00
CA LEU A 240 -5.14 -14.19 -13.26
C LEU A 240 -5.89 -13.15 -14.08
N LEU A 241 -7.20 -13.29 -14.17
CA LEU A 241 -8.06 -12.30 -14.82
C LEU A 241 -8.44 -11.20 -13.82
N VAL A 242 -8.16 -9.95 -14.15
CA VAL A 242 -8.38 -8.84 -13.20
C VAL A 242 -8.91 -7.63 -13.94
N SER A 243 -9.96 -7.04 -13.40
CA SER A 243 -10.47 -5.76 -13.87
C SER A 243 -10.62 -4.87 -12.64
N GLY A 244 -9.80 -3.83 -12.53
CA GLY A 244 -9.90 -2.91 -11.37
C GLY A 244 -10.21 -1.48 -11.77
N THR A 245 -10.95 -0.78 -10.91
CA THR A 245 -11.21 0.65 -11.10
C THR A 245 -10.79 1.38 -9.81
N CYS A 246 -9.79 2.24 -9.92
CA CYS A 246 -9.27 2.97 -8.77
C CYS A 246 -9.98 4.31 -8.66
N VAL A 247 -10.61 4.57 -7.52
CA VAL A 247 -11.43 5.75 -7.32
C VAL A 247 -10.97 6.44 -6.03
N ARG A 248 -10.74 7.75 -6.11
CA ARG A 248 -10.30 8.52 -4.94
C ARG A 248 -11.53 8.98 -4.17
N VAL A 249 -11.45 8.95 -2.84
CA VAL A 249 -12.54 9.37 -1.99
C VAL A 249 -12.03 10.35 -0.90
N PRO A 250 -12.93 11.13 -0.28
CA PRO A 250 -12.46 12.10 0.74
C PRO A 250 -12.22 11.45 2.09
N VAL A 251 -11.19 10.62 2.16
CA VAL A 251 -10.80 9.91 3.37
C VAL A 251 -9.32 10.23 3.52
N PHE A 252 -8.85 10.43 4.75
CA PHE A 252 -7.45 10.78 4.95
C PHE A 252 -6.52 9.61 4.77
N THR A 253 -6.74 8.55 5.55
CA THR A 253 -5.97 7.30 5.44
C THR A 253 -6.93 6.12 5.50
N GLY A 254 -6.66 5.10 4.67
CA GLY A 254 -7.43 3.86 4.73
C GLY A 254 -8.01 3.67 3.33
N HIS A 255 -7.50 2.66 2.64
CA HIS A 255 -8.01 2.29 1.32
C HIS A 255 -9.01 1.19 1.49
N SER A 256 -10.10 1.25 0.72
CA SER A 256 -11.11 0.19 0.75
C SER A 256 -11.32 -0.40 -0.64
N LEU A 257 -11.72 -1.69 -0.68
CA LEU A 257 -11.92 -2.39 -1.95
CA LEU A 257 -11.90 -2.43 -1.93
C LEU A 257 -13.20 -3.20 -1.90
N SER A 258 -14.05 -3.01 -2.92
CA SER A 258 -15.20 -3.87 -3.10
C SER A 258 -14.76 -4.90 -4.16
N ILE A 259 -14.66 -6.15 -3.73
CA ILE A 259 -14.03 -7.24 -4.51
C ILE A 259 -15.05 -8.31 -4.85
N ASN A 260 -15.18 -8.60 -6.14
CA ASN A 260 -15.93 -9.76 -6.58
C ASN A 260 -14.92 -10.77 -7.08
N ALA A 261 -14.75 -11.85 -6.33
CA ALA A 261 -13.69 -12.83 -6.58
C ALA A 261 -14.30 -14.16 -6.96
N GLU A 262 -13.80 -14.75 -8.05
CA GLU A 262 -14.28 -16.01 -8.56
C GLU A 262 -13.21 -17.07 -8.38
N PHE A 263 -13.61 -18.25 -7.93
CA PHE A 263 -12.67 -19.35 -7.68
C PHE A 263 -12.95 -20.55 -8.59
N ALA A 264 -12.05 -21.52 -8.58
CA ALA A 264 -12.15 -22.71 -9.46
C ALA A 264 -13.07 -23.79 -8.88
N GLN A 265 -13.45 -23.64 -7.61
CA GLN A 265 -14.38 -24.57 -6.95
C GLN A 265 -15.28 -23.76 -6.04
N PRO A 266 -16.44 -24.33 -5.62
CA PRO A 266 -17.35 -23.56 -4.82
C PRO A 266 -16.70 -23.13 -3.50
N LEU A 267 -16.99 -21.91 -3.09
CA LEU A 267 -16.52 -21.35 -1.82
C LEU A 267 -17.65 -20.52 -1.26
N SER A 268 -18.20 -20.95 -0.12
CA SER A 268 -19.35 -20.29 0.47
C SER A 268 -18.89 -19.12 1.34
N PRO A 269 -19.78 -18.14 1.57
CA PRO A 269 -19.46 -17.05 2.50
C PRO A 269 -19.12 -17.55 3.91
N GLU A 270 -19.86 -18.55 4.38
CA GLU A 270 -19.64 -19.14 5.70
C GLU A 270 -18.22 -19.70 5.78
N ARG A 271 -17.81 -20.45 4.76
CA ARG A 271 -16.47 -21.02 4.73
C ARG A 271 -15.38 -19.94 4.60
N ALA A 272 -15.66 -18.90 3.80
CA ALA A 272 -14.71 -17.79 3.68
C ALA A 272 -14.53 -17.11 5.05
N ARG A 273 -15.62 -16.90 5.78
CA ARG A 273 -15.53 -16.31 7.14
C ARG A 273 -14.71 -17.19 8.08
N GLU A 274 -14.95 -18.50 8.04
CA GLU A 274 -14.21 -19.45 8.87
CA GLU A 274 -14.21 -19.44 8.87
C GLU A 274 -12.70 -19.33 8.62
N LEU A 275 -12.32 -19.27 7.35
CA LEU A 275 -10.89 -19.18 6.99
C LEU A 275 -10.24 -17.85 7.35
N LEU A 276 -10.97 -16.75 7.14
CA LEU A 276 -10.40 -15.42 7.36
C LEU A 276 -10.35 -15.05 8.85
N ASP A 277 -11.27 -15.59 9.65
CA ASP A 277 -11.31 -15.34 11.09
C ASP A 277 -9.98 -15.73 11.76
N GLY A 278 -9.49 -16.93 11.46
CA GLY A 278 -8.13 -17.31 11.84
C GLY A 278 -6.97 -16.40 11.37
N ALA A 279 -7.06 -15.93 10.13
CA ALA A 279 -5.88 -15.53 9.31
C ALA A 279 -4.95 -14.42 9.82
N THR A 280 -3.67 -14.63 9.56
CA THR A 280 -2.60 -13.66 9.79
C THR A 280 -2.81 -12.38 9.01
N GLY A 281 -2.78 -11.25 9.72
CA GLY A 281 -2.88 -9.93 9.10
C GLY A 281 -4.30 -9.57 8.69
N VAL A 282 -5.28 -10.33 9.17
CA VAL A 282 -6.68 -10.14 8.79
C VAL A 282 -7.55 -10.05 10.03
N GLN A 283 -8.54 -9.17 9.99
CA GLN A 283 -9.58 -9.16 10.99
C GLN A 283 -10.96 -9.17 10.36
N LEU A 284 -11.76 -10.16 10.72
CA LEU A 284 -13.12 -10.27 10.25
C LEU A 284 -14.03 -9.30 11.01
N VAL A 285 -14.74 -8.43 10.29
CA VAL A 285 -15.66 -7.47 10.92
C VAL A 285 -16.94 -7.40 10.08
N ASP A 286 -18.05 -6.95 10.67
CA ASP A 286 -19.31 -6.86 9.92
C ASP A 286 -19.19 -5.83 8.78
N VAL A 287 -18.74 -4.62 9.13
CA VAL A 287 -18.73 -3.49 8.19
C VAL A 287 -17.33 -2.84 8.26
N PRO A 288 -16.40 -3.27 7.38
CA PRO A 288 -15.07 -2.65 7.38
C PRO A 288 -15.17 -1.18 7.01
N THR A 289 -14.37 -0.33 7.63
CA THR A 289 -14.34 1.09 7.26
C THR A 289 -12.88 1.54 7.33
N PRO A 290 -12.50 2.57 6.55
CA PRO A 290 -11.13 3.08 6.61
C PRO A 290 -10.84 3.80 7.94
N LEU A 291 -11.83 4.46 8.54
CA LEU A 291 -11.57 5.05 9.88
C LEU A 291 -11.18 3.99 10.91
N ALA A 292 -11.81 2.81 10.87
CA ALA A 292 -11.42 1.71 11.75
C ALA A 292 -10.04 1.14 11.39
N ALA A 293 -9.73 1.11 10.09
CA ALA A 293 -8.46 0.57 9.61
C ALA A 293 -7.25 1.50 9.89
N ALA A 294 -7.49 2.80 9.84
CA ALA A 294 -6.41 3.80 9.96
C ALA A 294 -5.84 3.76 11.36
N GLY A 295 -4.55 3.42 11.46
CA GLY A 295 -3.89 3.33 12.73
C GLY A 295 -3.73 1.92 13.23
N VAL A 296 -4.31 0.94 12.53
CA VAL A 296 -4.14 -0.47 12.92
C VAL A 296 -3.46 -1.26 11.80
N ASP A 297 -3.09 -2.50 12.10
CA ASP A 297 -2.24 -3.25 11.20
C ASP A 297 -2.97 -4.22 10.27
N GLU A 298 -4.09 -4.77 10.69
CA GLU A 298 -4.74 -5.81 9.91
C GLU A 298 -5.66 -5.27 8.81
N SER A 299 -5.83 -6.06 7.75
CA SER A 299 -6.86 -5.81 6.75
C SER A 299 -8.20 -6.22 7.36
N LEU A 300 -9.15 -5.28 7.38
CA LEU A 300 -10.49 -5.56 7.87
C LEU A 300 -11.32 -6.08 6.71
N VAL A 301 -12.02 -7.19 6.93
CA VAL A 301 -12.80 -7.82 5.85
C VAL A 301 -14.18 -8.21 6.34
N GLY A 302 -15.19 -7.97 5.52
CA GLY A 302 -16.53 -8.40 5.82
C GLY A 302 -17.45 -8.24 4.62
N ARG A 303 -18.75 -8.12 4.90
CA ARG A 303 -19.80 -8.08 3.88
C ARG A 303 -19.60 -9.19 2.83
N ILE A 304 -19.30 -10.40 3.32
CA ILE A 304 -19.03 -11.52 2.42
C ILE A 304 -20.35 -12.12 1.99
N ARG A 305 -20.59 -12.13 0.67
CA ARG A 305 -21.81 -12.67 0.08
C ARG A 305 -21.48 -13.54 -1.12
N ARG A 306 -22.41 -14.43 -1.48
CA ARG A 306 -22.33 -15.12 -2.76
CA ARG A 306 -22.30 -15.11 -2.78
C ARG A 306 -22.54 -14.11 -3.90
N ASP A 307 -21.78 -14.23 -4.98
CA ASP A 307 -22.04 -13.49 -6.21
C ASP A 307 -22.79 -14.48 -7.14
N PRO A 308 -24.10 -14.30 -7.34
CA PRO A 308 -24.88 -15.24 -8.18
C PRO A 308 -24.54 -15.20 -9.67
N GLY A 309 -23.75 -14.21 -10.10
CA GLY A 309 -23.29 -14.13 -11.48
C GLY A 309 -22.22 -15.16 -11.81
N VAL A 310 -21.70 -15.81 -10.78
CA VAL A 310 -20.78 -16.93 -10.97
C VAL A 310 -21.51 -18.24 -10.64
N PRO A 311 -21.50 -19.20 -11.59
CA PRO A 311 -22.25 -20.46 -11.42
C PRO A 311 -21.77 -21.27 -10.21
N ASP A 312 -22.70 -22.01 -9.61
CA ASP A 312 -22.36 -23.08 -8.65
C ASP A 312 -21.65 -22.64 -7.38
N GLY A 313 -21.91 -21.41 -6.94
CA GLY A 313 -21.32 -20.89 -5.72
C GLY A 313 -19.81 -20.73 -5.75
N ARG A 314 -19.24 -20.55 -6.95
CA ARG A 314 -17.81 -20.33 -7.07
C ARG A 314 -17.42 -18.86 -6.96
N GLY A 315 -18.40 -17.96 -6.79
CA GLY A 315 -18.11 -16.53 -6.71
C GLY A 315 -18.57 -15.87 -5.43
N LEU A 316 -17.75 -14.93 -4.95
CA LEU A 316 -18.05 -14.15 -3.74
C LEU A 316 -17.99 -12.67 -4.05
N ALA A 317 -18.68 -11.88 -3.23
CA ALA A 317 -18.48 -10.44 -3.15
C ALA A 317 -18.07 -10.21 -1.70
N LEU A 318 -17.03 -9.40 -1.50
CA LEU A 318 -16.52 -9.08 -0.16
CA LEU A 318 -16.52 -9.08 -0.16
C LEU A 318 -15.90 -7.69 -0.15
N PHE A 319 -15.79 -7.10 1.04
CA PHE A 319 -15.29 -5.73 1.17
C PHE A 319 -14.12 -5.71 2.14
N VAL A 320 -13.06 -4.98 1.77
CA VAL A 320 -11.82 -4.93 2.57
C VAL A 320 -11.46 -3.45 2.84
N SER A 321 -11.00 -3.15 4.07
CA SER A 321 -10.40 -1.83 4.36
C SER A 321 -9.06 -2.04 5.02
N GLY A 322 -8.08 -1.21 4.67
CA GLY A 322 -6.76 -1.34 5.23
C GLY A 322 -6.03 -0.01 5.22
N ASP A 323 -5.19 0.18 6.23
CA ASP A 323 -4.37 1.36 6.32
C ASP A 323 -3.27 1.36 5.24
N ASN A 324 -3.33 2.33 4.34
CA ASN A 324 -2.43 2.38 3.20
C ASN A 324 -1.01 2.84 3.53
N LEU A 325 -0.82 3.47 4.70
CA LEU A 325 0.52 3.88 5.13
C LEU A 325 1.19 2.80 5.97
N ARG A 326 0.38 2.03 6.69
CA ARG A 326 0.89 0.96 7.54
C ARG A 326 1.09 -0.33 6.71
N LYS A 327 0.15 -1.27 6.74
CA LYS A 327 0.30 -2.49 5.93
C LYS A 327 0.54 -2.18 4.45
N GLY A 328 -0.15 -1.15 3.95
CA GLY A 328 -0.03 -0.72 2.57
C GLY A 328 1.33 -0.20 2.16
N ALA A 329 2.19 0.12 3.14
CA ALA A 329 3.53 0.62 2.80
C ALA A 329 4.55 0.27 3.88
N ALA A 330 4.60 1.08 4.94
CA ALA A 330 5.65 0.98 5.96
C ALA A 330 5.70 -0.35 6.67
N LEU A 331 4.55 -0.81 7.18
CA LEU A 331 4.51 -2.03 7.99
C LEU A 331 5.00 -3.25 7.24
N ASN A 332 4.55 -3.40 6.00
CA ASN A 332 4.97 -4.57 5.21
C ASN A 332 6.49 -4.62 5.03
N THR A 333 7.14 -3.47 4.79
CA THR A 333 8.61 -3.46 4.61
C THR A 333 9.29 -3.90 5.91
N ILE A 334 8.71 -3.49 7.04
CA ILE A 334 9.28 -3.86 8.33
C ILE A 334 9.07 -5.34 8.64
N GLN A 335 7.88 -5.87 8.29
CA GLN A 335 7.60 -7.30 8.46
C GLN A 335 8.54 -8.15 7.60
N ILE A 336 8.86 -7.68 6.39
CA ILE A 336 9.85 -8.36 5.54
C ILE A 336 11.21 -8.31 6.24
N ALA A 337 11.59 -7.12 6.75
CA ALA A 337 12.87 -6.97 7.47
C ALA A 337 12.93 -7.90 8.68
N GLU A 338 11.80 -8.08 9.37
CA GLU A 338 11.75 -8.99 10.51
C GLU A 338 11.97 -10.44 10.09
N LEU A 339 11.31 -10.85 9.01
CA LEU A 339 11.44 -12.20 8.49
C LEU A 339 12.85 -12.47 7.96
N LEU A 340 13.49 -11.45 7.37
CA LEU A 340 14.86 -11.57 6.90
C LEU A 340 15.87 -11.82 8.03
N THR A 341 15.54 -11.36 9.24
CA THR A 341 16.47 -11.39 10.36
C THR A 341 15.97 -12.26 11.52
N ALA A 342 14.97 -13.11 11.26
CA ALA A 342 14.33 -13.92 12.31
C ALA A 342 15.28 -14.85 13.08
N CYS B . -0.58 4.71 -5.25
CA CYS B . -1.35 4.68 -4.01
C CYS B . -2.48 5.71 -4.10
O CYS B . -2.48 6.63 -4.96
CB CYS B . -0.43 4.93 -2.80
SG CYS B . -0.99 4.25 -1.21
OXT CYS B . -3.44 5.64 -3.33
C1 GOL C . 0.60 -6.53 -16.86
O1 GOL C . -0.21 -7.48 -16.15
C2 GOL C . 0.08 -5.08 -16.82
O2 GOL C . 0.70 -4.31 -15.78
C3 GOL C . -1.42 -5.05 -16.63
O3 GOL C . -2.08 -4.81 -17.87
C1 GOL D . -16.74 20.65 -9.28
O1 GOL D . -17.61 19.88 -10.12
C2 GOL D . -17.54 21.79 -8.64
O2 GOL D . -18.39 22.32 -9.66
C3 GOL D . -16.64 22.92 -8.16
O3 GOL D . -17.42 24.09 -7.81
C1 GOL E . 6.91 -10.65 10.28
O1 GOL E . 7.39 -10.56 11.62
C2 GOL E . 5.39 -10.74 10.25
O2 GOL E . 4.88 -11.52 11.33
C3 GOL E . 4.98 -11.40 8.93
O3 GOL E . 3.76 -10.80 8.49
S SO4 F . 2.15 2.50 -4.65
O1 SO4 F . 1.93 1.72 -5.90
O2 SO4 F . 1.15 2.14 -3.60
O3 SO4 F . 3.50 2.24 -4.09
O4 SO4 F . 2.04 3.93 -4.98
S SO4 G . 4.69 9.64 1.42
S SO4 G . 5.30 12.91 1.25
O1 SO4 G . 5.57 8.75 2.19
O1 SO4 G . 5.88 11.56 1.10
O2 SO4 G . 4.84 11.03 1.91
O2 SO4 G . 4.44 12.98 2.43
O3 SO4 G . 5.09 9.60 0.00
O3 SO4 G . 6.39 13.90 1.41
O4 SO4 G . 3.27 9.20 1.56
O4 SO4 G . 4.50 13.25 0.05
S SO4 H . -2.42 -10.42 -20.32
O1 SO4 H . -3.36 -11.48 -19.89
O2 SO4 H . -2.74 -9.15 -19.62
O3 SO4 H . -1.04 -10.83 -20.01
O4 SO4 H . -2.56 -10.20 -21.78
S SO4 I . 17.79 -15.26 3.20
O1 SO4 I . 18.05 -16.59 2.61
O2 SO4 I . 17.49 -15.43 4.63
O3 SO4 I . 18.97 -14.40 3.04
O4 SO4 I . 16.64 -14.63 2.51
S SO4 J . -21.36 -17.89 9.45
O1 SO4 J . -21.24 -19.36 9.51
O2 SO4 J . -21.74 -17.37 10.78
O3 SO4 J . -20.05 -17.32 9.09
O4 SO4 J . -22.39 -17.53 8.47
S SO4 K . 25.18 18.92 9.49
O1 SO4 K . 25.11 17.55 10.07
O2 SO4 K . 24.39 19.85 10.33
O3 SO4 K . 26.58 19.36 9.45
O4 SO4 K . 24.62 18.91 8.14
#